data_4P8B
#
_entry.id   4P8B
#
_cell.length_a   140.193
_cell.length_b   140.193
_cell.length_c   38.579
_cell.angle_alpha   90.000
_cell.angle_beta   90.000
_cell.angle_gamma   120.000
#
_symmetry.space_group_name_H-M   'H 3'
#
loop_
_entity.id
_entity.type
_entity.pdbx_description
1 polymer 'TRAP-type transporter, periplasmic component'
2 non-polymer 'CHLORIDE ION'
3 non-polymer '(2S)-2-hydroxy-2-methyl-3-oxobutanoic acid'
4 water water
#
_entity_poly.entity_id   1
_entity_poly.type   'polypeptide(L)'
_entity_poly.pdbx_seq_one_letter_code
;(MSE)KRRAL(MSE)LATAAAIAASAFAPAGA(MSE)AQTYKSEYK(MSE)SLVLGPAFPWGKGGEIWADLVKQRTNGRI
NIKLYPGTSLVAGDQTREFSAIRQGVID(MSE)AVGSTINWSPQVRELNLFSLPFL(MSE)PDYKALDALTQGEVGKSIF
ATLEKAGVVPLAWGENGFREVSNSKREIRKPEDLKG(MSE)KLRVVGSPLYIETFNALGANPTQ(MSE)SWADAQPA
(MSE)ASGAVDGQENPQSVFAAAKLYTVGQKFVTTWGYVADPLIFVVNKQIWESWTPADREIVKQAAVDAGKQEIALARK
GLAEPGAPAWKD(MSE)EAHGVKVTHLTPAEHDAFRKATAKVYDKWKKQIGTDLVTKAEGAIAKR
;
_entity_poly.pdbx_strand_id   A
#
loop_
_chem_comp.id
_chem_comp.type
_chem_comp.name
_chem_comp.formula
CL non-polymer 'CHLORIDE ION' 'Cl -1'
X2X non-polymer '(2S)-2-hydroxy-2-methyl-3-oxobutanoic acid' 'C5 H8 O4'
#
# COMPACT_ATOMS: atom_id res chain seq x y z
N TYR A 29 -7.55 -30.69 7.30
CA TYR A 29 -7.04 -29.32 7.37
C TYR A 29 -5.76 -29.25 8.21
N LYS A 30 -4.81 -28.43 7.78
CA LYS A 30 -3.65 -28.05 8.58
C LYS A 30 -4.08 -27.64 10.01
N SER A 31 -3.24 -27.92 11.01
CA SER A 31 -3.46 -27.45 12.37
C SER A 31 -3.25 -25.92 12.55
N GLU A 32 -2.41 -25.33 11.72
CA GLU A 32 -2.19 -23.89 11.77
C GLU A 32 -1.94 -23.40 10.38
N TYR A 33 -2.57 -22.29 10.01
CA TYR A 33 -2.34 -21.64 8.73
C TYR A 33 -1.53 -20.39 8.97
N LYS A 34 -0.72 -20.04 8.00
CA LYS A 34 0.20 -18.93 8.16
C LYS A 34 -0.27 -17.72 7.35
N MSE A 35 -0.46 -16.58 8.01
CA MSE A 35 -0.83 -15.33 7.33
C MSE A 35 0.35 -14.35 7.33
O MSE A 35 0.87 -13.96 8.39
CB MSE A 35 -2.01 -14.66 8.01
CG MSE A 35 -2.47 -13.43 7.21
SE MSE A 35 -3.71 -12.27 8.18
CE MSE A 35 -5.13 -13.56 8.52
H MSE A 35 -0.38 -16.49 8.87
HA MSE A 35 -1.08 -15.52 6.41
HB2 MSE A 35 -2.74 -15.28 8.06
HB3 MSE A 35 -1.74 -14.37 8.90
HG2 MSE A 35 -1.69 -12.90 6.98
HG3 MSE A 35 -2.92 -13.73 6.41
HE1 MSE A 35 -5.83 -13.14 9.01
HE2 MSE A 35 -5.46 -13.89 7.68
HE3 MSE A 35 -4.77 -14.30 9.03
N SER A 36 0.79 -13.96 6.15
CA SER A 36 1.88 -13.01 6.04
C SER A 36 1.37 -11.57 6.09
N LEU A 37 2.09 -10.71 6.84
CA LEU A 37 1.81 -9.28 6.91
C LEU A 37 3.14 -8.55 6.97
N VAL A 38 3.31 -7.47 6.21
CA VAL A 38 4.49 -6.64 6.40
C VAL A 38 4.40 -5.93 7.75
N LEU A 39 3.23 -5.34 8.03
CA LEU A 39 3.01 -4.57 9.26
C LEU A 39 2.14 -5.32 10.25
N GLY A 40 2.54 -5.29 11.51
CA GLY A 40 1.83 -5.94 12.57
C GLY A 40 0.70 -5.09 13.12
N PRO A 41 0.07 -5.57 14.20
CA PRO A 41 -1.15 -4.98 14.75
C PRO A 41 -1.01 -3.57 15.34
N ALA A 42 0.19 -3.00 15.42
CA ALA A 42 0.31 -1.59 15.77
C ALA A 42 -0.26 -0.71 14.65
N PHE A 43 -0.36 -1.27 13.44
CA PHE A 43 -0.77 -0.52 12.24
C PHE A 43 -2.14 -0.95 11.78
N PRO A 44 -2.89 -0.07 11.10
CA PRO A 44 -4.19 -0.52 10.58
C PRO A 44 -4.10 -1.79 9.74
N TRP A 45 -3.08 -1.88 8.90
CA TRP A 45 -2.88 -3.05 8.03
C TRP A 45 -2.87 -4.34 8.87
N GLY A 46 -2.04 -4.37 9.90
CA GLY A 46 -1.96 -5.56 10.73
C GLY A 46 -3.21 -5.81 11.55
N LYS A 47 -3.87 -4.75 12.01
CA LYS A 47 -5.12 -4.91 12.71
C LYS A 47 -6.18 -5.59 11.82
N GLY A 48 -6.15 -5.27 10.52
CA GLY A 48 -7.06 -5.91 9.60
C GLY A 48 -6.79 -7.40 9.50
N GLY A 49 -5.51 -7.75 9.47
CA GLY A 49 -5.15 -9.15 9.43
C GLY A 49 -5.61 -9.90 10.67
N GLU A 50 -5.42 -9.28 11.83
CA GLU A 50 -5.82 -9.84 13.11
C GLU A 50 -7.33 -10.05 13.15
N ILE A 51 -8.09 -9.06 12.70
CA ILE A 51 -9.55 -9.16 12.69
C ILE A 51 -9.97 -10.30 11.78
N TRP A 52 -9.33 -10.43 10.63
CA TRP A 52 -9.67 -11.50 9.71
C TRP A 52 -9.44 -12.84 10.38
N ALA A 53 -8.27 -13.01 10.98
CA ALA A 53 -7.93 -14.28 11.62
C ALA A 53 -8.91 -14.61 12.75
N ASP A 54 -9.24 -13.62 13.57
CA ASP A 54 -10.15 -13.82 14.70
C ASP A 54 -11.54 -14.19 14.19
N LEU A 55 -12.02 -13.53 13.15
CA LEU A 55 -13.36 -13.83 12.65
C LEU A 55 -13.42 -15.22 12.05
N VAL A 56 -12.37 -15.62 11.34
CA VAL A 56 -12.35 -16.95 10.73
C VAL A 56 -12.39 -18.04 11.79
N LYS A 57 -11.59 -17.87 12.82
CA LYS A 57 -11.55 -18.84 13.90
C LYS A 57 -12.93 -18.94 14.52
N GLN A 58 -13.49 -17.80 14.91
CA GLN A 58 -14.80 -17.74 15.54
C GLN A 58 -15.88 -18.42 14.70
N ARG A 59 -15.92 -18.11 13.41
CA ARG A 59 -17.01 -18.53 12.53
C ARG A 59 -16.83 -19.94 11.95
N THR A 60 -15.65 -20.51 12.15
CA THR A 60 -15.43 -21.92 11.79
C THR A 60 -15.42 -22.81 13.02
N ASN A 61 -15.89 -22.30 14.14
CA ASN A 61 -15.95 -23.09 15.36
C ASN A 61 -14.56 -23.53 15.82
N GLY A 62 -13.52 -22.79 15.41
CA GLY A 62 -12.17 -23.11 15.81
C GLY A 62 -11.45 -24.02 14.83
N ARG A 63 -12.12 -24.37 13.73
CA ARG A 63 -11.53 -25.33 12.80
C ARG A 63 -10.41 -24.74 11.99
N ILE A 64 -10.53 -23.48 11.61
CA ILE A 64 -9.45 -22.84 10.87
C ILE A 64 -8.73 -21.85 11.79
N ASN A 65 -7.49 -22.20 12.11
CA ASN A 65 -6.68 -21.50 13.11
C ASN A 65 -5.49 -20.87 12.40
N ILE A 66 -5.44 -19.54 12.43
CA ILE A 66 -4.45 -18.81 11.64
C ILE A 66 -3.49 -18.04 12.53
N LYS A 67 -2.20 -18.22 12.26
CA LYS A 67 -1.16 -17.49 12.97
C LYS A 67 -0.65 -16.37 12.08
N LEU A 68 -0.47 -15.19 12.68
CA LEU A 68 0.07 -14.02 11.99
C LEU A 68 1.60 -14.05 12.02
N TYR A 69 2.19 -13.73 10.87
CA TYR A 69 3.63 -13.60 10.72
C TYR A 69 3.94 -12.20 10.22
N PRO A 70 4.00 -11.23 11.15
CA PRO A 70 4.33 -9.86 10.77
C PRO A 70 5.80 -9.70 10.42
N GLY A 71 6.13 -8.55 9.88
CA GLY A 71 7.47 -8.28 9.39
C GLY A 71 7.85 -9.01 8.13
N THR A 72 6.89 -9.68 7.49
CA THR A 72 7.16 -10.52 6.33
C THR A 72 8.25 -11.54 6.63
N SER A 73 8.24 -12.07 7.83
CA SER A 73 9.26 -13.05 8.23
C SER A 73 9.23 -14.31 7.38
N LEU A 74 8.08 -14.66 6.81
CA LEU A 74 8.01 -15.89 6.03
C LEU A 74 8.86 -15.81 4.76
N VAL A 75 9.18 -14.59 4.32
CA VAL A 75 10.16 -14.38 3.24
C VAL A 75 11.39 -13.58 3.72
N ALA A 76 11.75 -13.74 5.00
CA ALA A 76 12.95 -13.11 5.57
C ALA A 76 12.97 -11.60 5.35
N GLY A 77 11.79 -11.00 5.45
CA GLY A 77 11.63 -9.56 5.31
C GLY A 77 11.58 -9.03 3.89
N ASP A 78 11.76 -9.91 2.91
CA ASP A 78 11.88 -9.48 1.51
C ASP A 78 10.48 -9.37 0.90
N GLN A 79 9.80 -8.28 1.21
CA GLN A 79 8.39 -8.14 0.90
C GLN A 79 8.10 -8.14 -0.60
N THR A 80 9.12 -7.85 -1.40
CA THR A 80 8.90 -7.79 -2.84
C THR A 80 9.00 -9.15 -3.49
N ARG A 81 9.11 -10.22 -2.70
CA ARG A 81 8.86 -11.54 -3.24
C ARG A 81 7.84 -12.32 -2.41
N GLU A 82 7.07 -11.60 -1.62
CA GLU A 82 5.95 -12.19 -0.89
C GLU A 82 4.94 -12.87 -1.83
N PHE A 83 4.63 -12.25 -2.98
CA PHE A 83 3.62 -12.80 -3.86
C PHE A 83 4.03 -14.21 -4.32
N SER A 84 5.29 -14.36 -4.70
CA SER A 84 5.75 -15.67 -5.17
C SER A 84 5.63 -16.72 -4.06
N ALA A 85 5.92 -16.32 -2.83
CA ALA A 85 5.81 -17.25 -1.70
C ALA A 85 4.35 -17.66 -1.46
N ILE A 86 3.42 -16.72 -1.66
CA ILE A 86 1.99 -17.05 -1.58
C ILE A 86 1.61 -18.02 -2.73
N ARG A 87 2.00 -17.69 -3.96
CA ARG A 87 1.68 -18.52 -5.13
C ARG A 87 2.23 -19.93 -4.97
N GLN A 88 3.44 -20.04 -4.40
CA GLN A 88 4.10 -21.32 -4.19
C GLN A 88 3.51 -22.09 -3.02
N GLY A 89 2.94 -21.37 -2.05
CA GLY A 89 2.40 -22.03 -0.86
C GLY A 89 3.30 -22.02 0.36
N VAL A 90 4.42 -21.33 0.29
CA VAL A 90 5.21 -21.07 1.49
C VAL A 90 4.36 -20.24 2.47
N ILE A 91 3.57 -19.34 1.91
CA ILE A 91 2.60 -18.55 2.69
C ILE A 91 1.19 -19.02 2.32
N ASP A 92 0.35 -19.24 3.33
CA ASP A 92 -0.99 -19.77 3.08
C ASP A 92 -1.97 -18.67 2.70
N MSE A 93 -1.81 -17.52 3.34
CA MSE A 93 -2.72 -16.40 3.11
C MSE A 93 -2.00 -15.11 3.49
O MSE A 93 -0.95 -15.14 4.14
CB MSE A 93 -4.04 -16.54 3.89
CG MSE A 93 -3.95 -16.62 5.42
SE MSE A 93 -5.36 -17.82 6.21
CE MSE A 93 -6.90 -16.74 5.78
H MSE A 93 -1.20 -17.35 3.91
HA MSE A 93 -2.95 -16.36 2.16
HB2 MSE A 93 -4.59 -15.78 3.68
HB3 MSE A 93 -4.47 -17.35 3.60
HG2 MSE A 93 -3.08 -16.97 5.67
HG3 MSE A 93 -4.07 -15.73 5.79
HE1 MSE A 93 -7.68 -17.18 6.10
HE2 MSE A 93 -6.80 -15.89 6.21
HE3 MSE A 93 -6.93 -16.63 4.83
N ALA A 94 -2.53 -13.97 3.09
CA ALA A 94 -1.86 -12.71 3.37
C ALA A 94 -2.79 -11.53 3.24
N VAL A 95 -2.45 -10.45 3.91
CA VAL A 95 -2.96 -9.14 3.56
C VAL A 95 -1.76 -8.39 3.02
N GLY A 96 -1.76 -8.07 1.73
CA GLY A 96 -0.62 -7.47 1.09
C GLY A 96 -0.91 -6.11 0.50
N SER A 97 0.14 -5.32 0.36
CA SER A 97 0.08 -4.07 -0.39
C SER A 97 0.30 -4.34 -1.86
N THR A 98 -0.48 -3.65 -2.69
CA THR A 98 -0.31 -3.73 -4.13
C THR A 98 1.12 -3.36 -4.57
N ILE A 99 1.81 -2.51 -3.83
CA ILE A 99 3.15 -2.13 -4.19
C ILE A 99 4.08 -3.36 -4.16
N ASN A 100 3.94 -4.17 -3.13
CA ASN A 100 4.88 -5.26 -2.90
C ASN A 100 4.73 -6.39 -3.89
N TRP A 101 3.55 -6.51 -4.48
CA TRP A 101 3.26 -7.58 -5.44
C TRP A 101 3.39 -7.11 -6.89
N SER A 102 3.58 -5.81 -7.07
CA SER A 102 3.73 -5.27 -8.41
C SER A 102 4.87 -5.91 -9.23
N PRO A 103 6.00 -6.30 -8.61
CA PRO A 103 7.04 -6.93 -9.45
C PRO A 103 6.55 -8.19 -10.16
N GLN A 104 5.61 -8.91 -9.58
CA GLN A 104 5.07 -10.13 -10.15
C GLN A 104 3.77 -9.93 -10.93
N VAL A 105 3.01 -8.90 -10.57
CA VAL A 105 1.70 -8.66 -11.17
C VAL A 105 1.69 -7.23 -11.67
N ARG A 106 2.02 -7.03 -12.93
CA ARG A 106 2.24 -5.69 -13.47
C ARG A 106 1.04 -4.76 -13.32
N GLU A 107 -0.17 -5.33 -13.34
CA GLU A 107 -1.37 -4.50 -13.27
C GLU A 107 -1.49 -3.77 -11.94
N LEU A 108 -0.83 -4.29 -10.89
CA LEU A 108 -0.91 -3.64 -9.60
C LEU A 108 -0.15 -2.31 -9.57
N ASN A 109 0.70 -2.06 -10.58
CA ASN A 109 1.33 -0.75 -10.73
C ASN A 109 0.29 0.37 -10.98
N LEU A 110 -0.93 0.02 -11.36
N LEU A 110 -0.92 0.02 -11.35
CA LEU A 110 -1.97 1.01 -11.59
CA LEU A 110 -1.95 1.01 -11.60
C LEU A 110 -2.07 1.98 -10.41
C LEU A 110 -2.11 1.97 -10.42
N PHE A 111 -2.06 1.44 -9.20
CA PHE A 111 -2.24 2.25 -8.03
C PHE A 111 -1.01 3.12 -7.70
N SER A 112 0.09 2.82 -8.37
CA SER A 112 1.35 3.55 -8.21
C SER A 112 1.55 4.61 -9.29
N LEU A 113 0.63 4.76 -10.23
CA LEU A 113 0.79 5.81 -11.23
C LEU A 113 0.70 7.19 -10.59
N PRO A 114 1.72 8.03 -10.81
CA PRO A 114 1.76 9.29 -10.05
C PRO A 114 0.61 10.21 -10.44
N PHE A 115 -0.16 10.63 -9.44
CA PHE A 115 -1.25 11.59 -9.56
C PHE A 115 -2.44 11.09 -10.35
N LEU A 116 -2.66 9.78 -10.29
CA LEU A 116 -3.89 9.19 -10.83
C LEU A 116 -5.14 9.52 -10.02
N MSE A 117 -5.04 9.47 -8.69
CA MSE A 117 -6.22 9.51 -7.82
C MSE A 117 -6.25 10.77 -6.95
O MSE A 117 -5.42 10.91 -6.05
CB MSE A 117 -6.19 8.30 -6.90
CG MSE A 117 -6.28 6.97 -7.63
SE MSE A 117 -6.16 5.43 -6.48
CE MSE A 117 -4.30 5.57 -5.95
H MSE A 117 -4.29 9.42 -8.27
HA MSE A 117 -7.02 9.46 -8.37
HB2 MSE A 117 -5.37 8.30 -6.39
HB3 MSE A 117 -6.96 8.34 -6.31
HG2 MSE A 117 -7.11 6.92 -8.10
HG3 MSE A 117 -5.53 6.91 -8.25
HE1 MSE A 117 -4.09 4.85 -5.36
HE2 MSE A 117 -3.75 5.52 -6.74
HE3 MSE A 117 -4.16 6.41 -5.50
N PRO A 118 -7.22 11.65 -7.17
CA PRO A 118 -7.22 12.90 -6.38
C PRO A 118 -7.65 12.76 -4.93
N ASP A 119 -8.39 11.72 -4.58
CA ASP A 119 -9.00 11.64 -3.27
C ASP A 119 -9.48 10.21 -2.97
N TYR A 120 -10.07 9.99 -1.80
CA TYR A 120 -10.52 8.67 -1.40
C TYR A 120 -11.65 8.18 -2.30
N LYS A 121 -12.51 9.08 -2.76
CA LYS A 121 -13.60 8.71 -3.65
C LYS A 121 -13.03 8.08 -4.92
N ALA A 122 -11.86 8.57 -5.36
CA ALA A 122 -11.22 8.06 -6.55
C ALA A 122 -10.67 6.67 -6.33
N LEU A 123 -10.03 6.44 -5.19
CA LEU A 123 -9.53 5.12 -4.88
C LEU A 123 -10.68 4.12 -4.80
N ASP A 124 -11.75 4.51 -4.11
CA ASP A 124 -12.90 3.63 -3.98
C ASP A 124 -13.54 3.34 -5.32
N ALA A 125 -13.53 4.30 -6.24
CA ALA A 125 -14.08 4.08 -7.58
C ALA A 125 -13.33 3.00 -8.31
N LEU A 126 -12.06 2.83 -8.00
CA LEU A 126 -11.27 1.77 -8.60
C LEU A 126 -11.53 0.44 -7.92
N THR A 127 -11.33 0.39 -6.61
CA THR A 127 -11.40 -0.90 -5.94
C THR A 127 -12.81 -1.48 -5.96
N GLN A 128 -13.83 -0.62 -5.97
CA GLN A 128 -15.21 -1.07 -5.90
C GLN A 128 -15.85 -1.19 -7.28
N GLY A 129 -15.08 -0.89 -8.34
CA GLY A 129 -15.60 -0.86 -9.69
C GLY A 129 -14.96 -1.85 -10.64
N GLU A 130 -15.08 -1.61 -11.94
CA GLU A 130 -14.59 -2.56 -12.92
C GLU A 130 -13.08 -2.75 -12.85
N VAL A 131 -12.35 -1.74 -12.41
CA VAL A 131 -10.91 -1.86 -12.35
C VAL A 131 -10.53 -2.89 -11.30
N GLY A 132 -11.14 -2.80 -10.12
CA GLY A 132 -10.85 -3.77 -9.07
C GLY A 132 -11.23 -5.16 -9.48
N LYS A 133 -12.35 -5.29 -10.18
CA LYS A 133 -12.78 -6.59 -10.64
C LYS A 133 -11.79 -7.19 -11.63
N SER A 134 -11.28 -6.35 -12.53
CA SER A 134 -10.31 -6.81 -13.51
C SER A 134 -9.03 -7.28 -12.82
N ILE A 135 -8.58 -6.52 -11.83
CA ILE A 135 -7.37 -6.90 -11.09
C ILE A 135 -7.58 -8.22 -10.33
N PHE A 136 -8.73 -8.37 -9.69
CA PHE A 136 -9.04 -9.64 -9.01
C PHE A 136 -9.01 -10.83 -9.96
N ALA A 137 -9.57 -10.66 -11.17
CA ALA A 137 -9.56 -11.75 -12.15
C ALA A 137 -8.13 -12.11 -12.53
N THR A 138 -7.27 -11.11 -12.67
CA THR A 138 -5.89 -11.34 -13.03
C THR A 138 -5.18 -12.10 -11.90
N LEU A 139 -5.45 -11.71 -10.65
CA LEU A 139 -4.84 -12.39 -9.52
C LEU A 139 -5.28 -13.85 -9.41
N GLU A 140 -6.58 -14.10 -9.60
CA GLU A 140 -7.12 -15.44 -9.51
C GLU A 140 -6.43 -16.36 -10.52
N LYS A 141 -6.20 -15.85 -11.72
CA LYS A 141 -5.59 -16.68 -12.77
C LYS A 141 -4.16 -17.00 -12.40
N ALA A 142 -3.55 -16.12 -11.60
CA ALA A 142 -2.16 -16.28 -11.19
C ALA A 142 -1.96 -17.23 -10.03
N GLY A 143 -3.05 -17.80 -9.49
CA GLY A 143 -2.93 -18.79 -8.44
C GLY A 143 -3.04 -18.24 -7.04
N VAL A 144 -3.60 -17.03 -6.92
N VAL A 144 -3.47 -17.00 -6.94
CA VAL A 144 -3.72 -16.34 -5.63
CA VAL A 144 -3.80 -16.47 -5.65
C VAL A 144 -5.14 -15.78 -5.50
C VAL A 144 -5.27 -16.23 -5.75
N VAL A 145 -5.96 -16.39 -4.64
CA VAL A 145 -7.39 -16.12 -4.61
C VAL A 145 -7.66 -14.84 -3.83
N PRO A 146 -8.08 -13.77 -4.53
CA PRO A 146 -8.37 -12.51 -3.85
C PRO A 146 -9.77 -12.47 -3.27
N LEU A 147 -9.92 -11.94 -2.07
CA LEU A 147 -11.19 -11.99 -1.35
C LEU A 147 -11.75 -10.63 -0.95
N ALA A 148 -10.89 -9.65 -0.71
CA ALA A 148 -11.36 -8.34 -0.25
C ALA A 148 -10.25 -7.32 -0.38
N TRP A 149 -10.67 -6.06 -0.31
CA TRP A 149 -9.78 -4.92 -0.31
C TRP A 149 -9.69 -4.29 1.08
N GLY A 150 -8.47 -3.87 1.40
CA GLY A 150 -8.19 -2.97 2.52
C GLY A 150 -7.46 -1.75 2.01
N GLU A 151 -6.75 -1.10 2.92
CA GLU A 151 -6.06 0.14 2.59
C GLU A 151 -4.84 0.40 3.43
N ASN A 152 -3.75 0.79 2.79
CA ASN A 152 -2.62 1.40 3.50
C ASN A 152 -2.87 2.90 3.48
N GLY A 153 -2.86 3.51 2.30
CA GLY A 153 -3.36 4.87 2.14
C GLY A 153 -2.53 5.72 1.23
N PHE A 154 -2.88 6.99 1.18
CA PHE A 154 -2.13 7.98 0.40
C PHE A 154 -0.74 8.18 0.99
N ARG A 155 0.27 8.06 0.14
CA ARG A 155 1.65 7.97 0.61
C ARG A 155 2.31 9.35 0.55
N GLU A 156 2.46 9.95 1.73
CA GLU A 156 2.95 11.32 1.86
C GLU A 156 4.46 11.30 2.05
N VAL A 157 5.15 12.20 1.38
CA VAL A 157 6.62 12.24 1.41
C VAL A 157 7.15 13.02 2.62
N SER A 158 8.08 12.41 3.33
CA SER A 158 8.72 13.04 4.47
C SER A 158 10.22 13.07 4.27
N ASN A 159 10.87 13.98 4.98
CA ASN A 159 12.33 14.01 5.01
C ASN A 159 12.83 14.81 6.21
N SER A 160 14.13 14.78 6.43
CA SER A 160 14.73 15.43 7.59
C SER A 160 15.34 16.81 7.27
N LYS A 161 15.39 17.18 5.99
CA LYS A 161 16.16 18.34 5.57
C LYS A 161 15.39 19.61 5.34
N ARG A 162 14.31 19.55 4.56
CA ARG A 162 13.65 20.78 4.15
C ARG A 162 12.23 20.54 3.68
N GLU A 163 11.47 21.61 3.65
CA GLU A 163 10.11 21.57 3.13
C GLU A 163 10.08 21.27 1.64
N ILE A 164 9.17 20.41 1.22
CA ILE A 164 8.95 20.10 -0.19
C ILE A 164 7.67 20.76 -0.68
N ARG A 165 7.81 21.74 -1.57
CA ARG A 165 6.65 22.39 -2.18
C ARG A 165 6.63 22.24 -3.69
N LYS A 166 7.75 21.88 -4.30
CA LYS A 166 7.85 21.84 -5.76
C LYS A 166 8.92 20.84 -6.14
N PRO A 167 8.90 20.36 -7.40
CA PRO A 167 9.82 19.27 -7.75
C PRO A 167 11.28 19.62 -7.48
N GLU A 168 11.63 20.87 -7.67
CA GLU A 168 13.01 21.27 -7.52
C GLU A 168 13.53 21.01 -6.10
N ASP A 169 12.63 21.08 -5.11
CA ASP A 169 13.02 20.88 -3.72
C ASP A 169 13.53 19.46 -3.44
N LEU A 170 13.17 18.51 -4.29
CA LEU A 170 13.64 17.14 -4.11
C LEU A 170 15.02 16.87 -4.70
N LYS A 171 15.64 17.86 -5.34
CA LYS A 171 16.86 17.59 -6.07
C LYS A 171 17.92 17.02 -5.13
N GLY A 172 18.47 15.87 -5.51
CA GLY A 172 19.52 15.23 -4.75
C GLY A 172 19.10 14.52 -3.48
N MSE A 173 17.82 14.56 -3.13
CA MSE A 173 17.36 13.98 -1.87
C MSE A 173 17.41 12.45 -1.93
O MSE A 173 16.93 11.85 -2.90
CB MSE A 173 15.95 14.47 -1.58
CG MSE A 173 15.45 14.26 -0.18
SE MSE A 173 13.84 15.33 0.08
CE MSE A 173 14.60 17.03 0.54
H MSE A 173 17.20 14.92 -3.60
HA MSE A 173 17.95 14.28 -1.15
HB2 MSE A 173 15.93 15.43 -1.76
HB3 MSE A 173 15.34 14.02 -2.18
HG2 MSE A 173 15.22 13.32 -0.06
HG3 MSE A 173 16.12 14.55 0.45
HE1 MSE A 173 13.89 17.65 0.69
HE2 MSE A 173 15.13 16.92 1.32
HE3 MSE A 173 15.15 17.33 -0.19
N LYS A 174 17.95 11.83 -0.88
CA LYS A 174 18.06 10.39 -0.80
C LYS A 174 16.81 9.84 -0.15
N LEU A 175 15.86 9.42 -0.98
CA LEU A 175 14.57 9.00 -0.48
C LEU A 175 14.44 7.50 -0.59
N ARG A 176 14.08 6.84 0.50
CA ARG A 176 13.79 5.43 0.42
C ARG A 176 12.45 5.20 -0.27
N VAL A 177 12.43 4.18 -1.14
CA VAL A 177 11.22 3.67 -1.74
C VAL A 177 11.23 2.14 -1.60
N VAL A 178 10.10 1.50 -1.88
CA VAL A 178 10.05 0.04 -1.95
C VAL A 178 10.69 -0.36 -3.26
N GLY A 179 11.21 -1.58 -3.33
CA GLY A 179 11.84 -2.07 -4.55
C GLY A 179 10.90 -2.46 -5.67
N SER A 180 10.16 -1.49 -6.18
CA SER A 180 9.36 -1.65 -7.39
C SER A 180 9.76 -0.53 -8.35
N PRO A 181 10.29 -0.87 -9.55
CA PRO A 181 10.98 0.09 -10.43
C PRO A 181 10.23 1.39 -10.77
N LEU A 182 8.91 1.34 -10.81
CA LEU A 182 8.14 2.55 -11.07
C LEU A 182 8.47 3.65 -10.07
N TYR A 183 8.64 3.30 -8.81
CA TYR A 183 8.96 4.31 -7.81
C TYR A 183 10.33 4.95 -8.04
N ILE A 184 11.30 4.17 -8.51
CA ILE A 184 12.60 4.74 -8.86
C ILE A 184 12.43 5.75 -9.97
N GLU A 185 11.65 5.40 -10.99
CA GLU A 185 11.45 6.29 -12.12
C GLU A 185 10.69 7.57 -11.73
N THR A 186 9.68 7.44 -10.88
CA THR A 186 8.94 8.62 -10.44
C THR A 186 9.86 9.60 -9.73
N PHE A 187 10.64 9.10 -8.78
CA PHE A 187 11.51 10.00 -8.03
C PHE A 187 12.71 10.50 -8.84
N ASN A 188 13.19 9.71 -9.80
CA ASN A 188 14.20 10.21 -10.74
C ASN A 188 13.67 11.41 -11.54
N ALA A 189 12.40 11.34 -11.95
CA ALA A 189 11.80 12.44 -12.72
C ALA A 189 11.72 13.70 -11.91
N LEU A 190 11.67 13.57 -10.58
CA LEU A 190 11.61 14.69 -9.66
C LEU A 190 12.99 15.15 -9.22
N GLY A 191 14.05 14.56 -9.78
CA GLY A 191 15.41 14.98 -9.48
C GLY A 191 16.01 14.40 -8.21
N ALA A 192 15.29 13.48 -7.59
CA ALA A 192 15.77 12.85 -6.37
C ALA A 192 16.70 11.68 -6.64
N ASN A 193 17.28 11.16 -5.56
N ASN A 193 17.25 11.13 -5.56
CA ASN A 193 18.14 9.98 -5.60
CA ASN A 193 18.15 9.99 -5.63
C ASN A 193 17.48 8.87 -4.78
C ASN A 193 17.55 8.83 -4.83
N PRO A 194 16.51 8.18 -5.38
CA PRO A 194 15.79 7.15 -4.62
C PRO A 194 16.62 5.89 -4.45
N THR A 195 16.42 5.21 -3.33
N THR A 195 16.39 5.19 -3.34
CA THR A 195 17.02 3.92 -3.10
CA THR A 195 17.04 3.91 -3.08
C THR A 195 15.93 2.98 -2.62
C THR A 195 16.04 2.94 -2.51
N GLN A 196 15.95 1.78 -3.15
CA GLN A 196 14.96 0.79 -2.78
C GLN A 196 15.41 -0.07 -1.62
N MSE A 197 14.51 -0.26 -0.68
CA MSE A 197 14.73 -1.24 0.38
C MSE A 197 13.45 -1.61 1.09
O MSE A 197 12.46 -0.90 1.01
CB MSE A 197 15.77 -0.74 1.37
CG MSE A 197 15.30 0.40 2.19
SE MSE A 197 16.73 1.36 3.12
CE MSE A 197 17.51 2.23 1.62
H MSE A 197 13.75 0.15 -0.62
HA MSE A 197 15.10 -2.06 -0.05
HB2 MSE A 197 16.01 -1.47 1.97
HB3 MSE A 197 16.55 -0.45 0.88
HG2 MSE A 197 14.83 1.03 1.61
HG3 MSE A 197 14.68 0.06 2.85
HE1 MSE A 197 18.24 2.76 1.92
HE2 MSE A 197 17.81 1.57 1.00
HE3 MSE A 197 16.84 2.80 1.21
N SER A 198 13.47 -2.79 1.72
CA SER A 198 12.34 -3.28 2.47
C SER A 198 11.97 -2.35 3.61
N TRP A 199 10.76 -2.53 4.14
CA TRP A 199 10.32 -1.77 5.28
C TRP A 199 11.28 -2.01 6.47
N ALA A 200 11.73 -3.25 6.67
CA ALA A 200 12.67 -3.51 7.76
C ALA A 200 13.95 -2.68 7.56
N ASP A 201 14.47 -2.70 6.35
CA ASP A 201 15.74 -2.05 6.10
C ASP A 201 15.64 -0.51 6.13
N ALA A 202 14.45 0.01 5.88
CA ALA A 202 14.24 1.43 5.94
C ALA A 202 14.49 2.01 7.31
N GLN A 203 14.22 1.25 8.36
CA GLN A 203 14.30 1.77 9.72
C GLN A 203 15.69 2.22 10.10
N PRO A 204 16.70 1.33 9.98
CA PRO A 204 18.02 1.81 10.38
C PRO A 204 18.55 2.89 9.45
N ALA A 205 18.13 2.84 8.19
CA ALA A 205 18.58 3.82 7.22
C ALA A 205 18.05 5.22 7.58
N MSE A 206 16.82 5.29 8.05
CA MSE A 206 16.27 6.58 8.50
C MSE A 206 16.94 7.03 9.80
O MSE A 206 17.25 8.22 9.97
CB MSE A 206 14.78 6.50 8.73
CG MSE A 206 13.99 6.38 7.48
SE MSE A 206 12.05 6.31 7.79
CE MSE A 206 11.92 4.56 8.57
H MSE A 206 16.27 4.63 8.11
HA MSE A 206 16.44 7.26 7.81
HB2 MSE A 206 14.59 5.72 9.28
HB3 MSE A 206 14.50 7.31 9.20
HG2 MSE A 206 14.17 7.15 6.92
HG3 MSE A 206 14.24 5.57 7.02
HE1 MSE A 206 11.00 4.39 8.79
HE2 MSE A 206 12.25 3.91 7.94
HE3 MSE A 206 12.45 4.54 9.38
N ALA A 207 17.20 6.10 10.70
CA ALA A 207 17.78 6.43 12.00
C ALA A 207 19.18 6.99 11.84
N SER A 208 19.96 6.44 10.91
CA SER A 208 21.34 6.88 10.73
C SER A 208 21.50 8.08 9.80
N GLY A 209 20.46 8.41 9.06
CA GLY A 209 20.57 9.44 8.04
C GLY A 209 21.10 8.93 6.70
N ALA A 210 21.23 7.62 6.54
CA ALA A 210 21.68 7.05 5.27
C ALA A 210 20.69 7.36 4.15
N VAL A 211 19.41 7.47 4.49
CA VAL A 211 18.44 8.11 3.60
C VAL A 211 17.92 9.36 4.32
N ASP A 212 17.52 10.36 3.53
CA ASP A 212 16.97 11.60 4.06
C ASP A 212 15.49 11.47 4.40
N GLY A 213 14.77 10.57 3.72
CA GLY A 213 13.32 10.54 3.80
C GLY A 213 12.71 9.30 3.22
N GLN A 214 11.38 9.31 3.12
CA GLN A 214 10.60 8.15 2.76
C GLN A 214 9.20 8.62 2.36
N GLU A 215 8.28 7.70 2.09
CA GLU A 215 6.93 8.04 1.70
C GLU A 215 6.01 6.94 2.16
N ASN A 216 4.92 7.29 2.82
CA ASN A 216 4.04 6.26 3.42
C ASN A 216 2.76 6.90 3.90
N PRO A 217 1.71 6.09 4.11
CA PRO A 217 0.47 6.66 4.63
C PRO A 217 0.64 7.28 6.02
N GLN A 218 -0.25 8.19 6.36
CA GLN A 218 -0.21 8.82 7.64
C GLN A 218 -0.25 7.82 8.78
N SER A 219 -1.05 6.77 8.65
CA SER A 219 -1.19 5.85 9.76
C SER A 219 0.09 5.07 10.04
N VAL A 220 0.90 4.87 9.00
CA VAL A 220 2.19 4.20 9.10
C VAL A 220 3.21 5.18 9.69
N PHE A 221 3.23 6.42 9.20
CA PHE A 221 4.09 7.47 9.78
C PHE A 221 3.84 7.58 11.27
N ALA A 222 2.57 7.58 11.65
CA ALA A 222 2.20 7.74 13.06
C ALA A 222 2.56 6.54 13.92
N ALA A 223 2.18 5.34 13.49
CA ALA A 223 2.35 4.16 14.34
C ALA A 223 3.81 3.76 14.42
N ALA A 224 4.59 4.06 13.39
CA ALA A 224 6.02 3.83 13.41
C ALA A 224 6.77 5.04 14.02
N LYS A 225 6.04 6.10 14.40
CA LYS A 225 6.64 7.27 15.04
C LYS A 225 7.82 7.79 14.23
N LEU A 226 7.60 8.05 12.93
CA LEU A 226 8.75 8.29 12.05
C LEU A 226 9.43 9.62 12.35
N TYR A 227 8.74 10.51 13.05
CA TYR A 227 9.36 11.75 13.51
C TYR A 227 10.53 11.47 14.46
N THR A 228 10.57 10.30 15.08
CA THR A 228 11.68 9.93 15.95
C THR A 228 12.91 9.45 15.21
N VAL A 229 12.77 9.24 13.89
CA VAL A 229 13.90 8.88 13.03
C VAL A 229 14.03 9.92 11.90
N GLY A 230 13.96 11.18 12.32
CA GLY A 230 14.32 12.31 11.49
C GLY A 230 13.25 12.85 10.58
N GLN A 231 12.06 12.29 10.58
CA GLN A 231 11.07 12.67 9.57
C GLN A 231 10.25 13.83 10.10
N LYS A 232 10.80 15.03 9.93
CA LYS A 232 10.25 16.23 10.56
C LYS A 232 9.58 17.19 9.59
N PHE A 233 9.67 16.87 8.30
CA PHE A 233 8.97 17.60 7.23
C PHE A 233 8.11 16.58 6.51
N VAL A 234 6.85 16.90 6.27
CA VAL A 234 5.95 16.08 5.48
C VAL A 234 5.20 16.97 4.50
N THR A 235 5.03 16.50 3.27
CA THR A 235 4.12 17.15 2.31
C THR A 235 3.03 16.18 1.92
N THR A 236 1.79 16.62 2.10
CA THR A 236 0.66 15.75 1.88
C THR A 236 0.23 15.76 0.41
N TRP A 237 1.17 15.48 -0.48
CA TRP A 237 0.94 15.54 -1.92
C TRP A 237 0.01 14.46 -2.48
N GLY A 238 -0.25 13.40 -1.74
CA GLY A 238 -1.18 12.37 -2.19
C GLY A 238 -0.79 11.75 -3.51
N TYR A 239 0.49 11.56 -3.81
CA TYR A 239 0.89 11.23 -5.18
C TYR A 239 0.37 9.85 -5.61
N VAL A 240 0.33 8.89 -4.69
CA VAL A 240 -0.25 7.57 -4.94
C VAL A 240 -0.90 7.11 -3.65
N ALA A 241 -1.68 6.04 -3.74
CA ALA A 241 -2.17 5.36 -2.55
C ALA A 241 -2.11 3.87 -2.81
N ASP A 242 -1.64 3.08 -1.85
CA ASP A 242 -1.66 1.65 -1.98
C ASP A 242 -2.83 1.05 -1.21
N PRO A 243 -3.74 0.39 -1.93
CA PRO A 243 -4.71 -0.46 -1.25
C PRO A 243 -4.04 -1.73 -0.78
N LEU A 244 -4.77 -2.47 0.04
CA LEU A 244 -4.37 -3.81 0.44
C LEU A 244 -5.31 -4.81 -0.17
N ILE A 245 -4.84 -6.04 -0.33
CA ILE A 245 -5.67 -7.14 -0.79
C ILE A 245 -5.51 -8.32 0.15
N PHE A 246 -6.65 -8.89 0.53
CA PHE A 246 -6.76 -10.09 1.34
C PHE A 246 -6.77 -11.28 0.39
N VAL A 247 -5.83 -12.21 0.53
CA VAL A 247 -5.71 -13.32 -0.43
C VAL A 247 -5.39 -14.63 0.26
N VAL A 248 -5.71 -15.72 -0.43
CA VAL A 248 -5.41 -17.07 0.05
C VAL A 248 -4.75 -17.81 -1.11
N ASN A 249 -3.72 -18.60 -0.80
CA ASN A 249 -3.14 -19.51 -1.79
C ASN A 249 -4.22 -20.44 -2.40
N LYS A 250 -4.14 -20.65 -3.71
CA LYS A 250 -5.17 -21.39 -4.47
C LYS A 250 -5.37 -22.80 -3.94
N GLN A 251 -4.28 -23.50 -3.64
CA GLN A 251 -4.42 -24.89 -3.19
C GLN A 251 -4.96 -24.96 -1.76
N ILE A 252 -4.62 -23.97 -0.93
CA ILE A 252 -5.17 -23.89 0.42
C ILE A 252 -6.66 -23.63 0.27
N TRP A 253 -6.99 -22.67 -0.59
CA TRP A 253 -8.40 -22.33 -0.86
C TRP A 253 -9.20 -23.59 -1.24
N GLU A 254 -8.71 -24.32 -2.24
CA GLU A 254 -9.39 -25.52 -2.77
C GLU A 254 -9.39 -26.64 -1.77
N SER A 255 -8.46 -26.64 -0.83
CA SER A 255 -8.42 -27.70 0.18
C SER A 255 -9.58 -27.55 1.17
N TRP A 256 -10.13 -26.34 1.24
CA TRP A 256 -11.25 -26.06 2.12
C TRP A 256 -12.57 -26.41 1.42
N THR A 257 -13.60 -26.69 2.21
CA THR A 257 -14.92 -27.00 1.66
C THR A 257 -15.54 -25.72 1.12
N PRO A 258 -16.44 -25.83 0.13
CA PRO A 258 -17.05 -24.59 -0.37
C PRO A 258 -17.67 -23.75 0.75
N ALA A 259 -18.18 -24.39 1.79
CA ALA A 259 -18.86 -23.67 2.86
C ALA A 259 -17.86 -22.86 3.68
N ASP A 260 -16.70 -23.46 3.94
CA ASP A 260 -15.64 -22.76 4.68
C ASP A 260 -15.05 -21.64 3.86
N ARG A 261 -14.94 -21.86 2.55
CA ARG A 261 -14.46 -20.81 1.67
C ARG A 261 -15.37 -19.60 1.83
N GLU A 262 -16.66 -19.82 1.94
CA GLU A 262 -17.62 -18.72 2.10
C GLU A 262 -17.38 -17.95 3.40
N ILE A 263 -17.18 -18.67 4.50
CA ILE A 263 -16.88 -18.05 5.78
C ILE A 263 -15.60 -17.19 5.71
N VAL A 264 -14.55 -17.75 5.15
CA VAL A 264 -13.27 -17.05 5.09
C VAL A 264 -13.36 -15.79 4.22
N LYS A 265 -14.07 -15.89 3.10
CA LYS A 265 -14.29 -14.76 2.21
C LYS A 265 -15.09 -13.68 2.91
N GLN A 266 -16.22 -14.03 3.55
CA GLN A 266 -17.00 -12.99 4.22
C GLN A 266 -16.22 -12.36 5.38
N ALA A 267 -15.39 -13.16 6.05
CA ALA A 267 -14.57 -12.64 7.12
C ALA A 267 -13.56 -11.63 6.58
N ALA A 268 -12.99 -11.91 5.41
CA ALA A 268 -12.10 -10.96 4.75
C ALA A 268 -12.83 -9.67 4.37
N VAL A 269 -14.05 -9.79 3.85
CA VAL A 269 -14.84 -8.61 3.50
C VAL A 269 -15.12 -7.75 4.73
N ASP A 270 -15.52 -8.39 5.83
CA ASP A 270 -15.79 -7.69 7.09
C ASP A 270 -14.52 -7.03 7.65
N ALA A 271 -13.44 -7.78 7.63
CA ALA A 271 -12.15 -7.24 8.10
C ALA A 271 -11.68 -6.07 7.25
N GLY A 272 -11.86 -6.16 5.94
CA GLY A 272 -11.43 -5.12 5.04
C GLY A 272 -12.17 -3.82 5.27
N LYS A 273 -13.48 -3.90 5.49
CA LYS A 273 -14.24 -2.69 5.75
C LYS A 273 -13.80 -2.05 7.05
N GLN A 274 -13.64 -2.85 8.09
CA GLN A 274 -13.15 -2.32 9.37
C GLN A 274 -11.78 -1.71 9.20
N GLU A 275 -10.91 -2.38 8.43
CA GLU A 275 -9.53 -1.91 8.30
C GLU A 275 -9.43 -0.60 7.52
N ILE A 276 -10.25 -0.42 6.49
CA ILE A 276 -10.25 0.84 5.79
C ILE A 276 -10.67 2.00 6.70
N ALA A 277 -11.68 1.78 7.55
CA ALA A 277 -12.06 2.77 8.54
C ALA A 277 -10.90 3.13 9.45
N LEU A 278 -10.14 2.14 9.90
CA LEU A 278 -8.97 2.40 10.72
C LEU A 278 -7.93 3.20 9.95
N ALA A 279 -7.72 2.87 8.67
CA ALA A 279 -6.69 3.50 7.87
C ALA A 279 -7.07 4.91 7.49
N ARG A 280 -8.34 5.27 7.61
CA ARG A 280 -8.76 6.62 7.22
C ARG A 280 -9.06 7.52 8.40
N LYS A 281 -8.79 7.04 9.61
CA LYS A 281 -9.12 7.79 10.82
C LYS A 281 -8.43 9.18 10.78
N GLY A 282 -9.22 10.24 10.91
CA GLY A 282 -8.69 11.60 10.92
C GLY A 282 -8.12 12.07 9.60
N LEU A 283 -8.42 11.40 8.49
CA LEU A 283 -7.81 11.71 7.19
C LEU A 283 -8.78 12.05 6.06
N ALA A 284 -9.88 11.32 5.96
CA ALA A 284 -10.81 11.53 4.86
C ALA A 284 -11.83 12.59 5.27
N GLU A 285 -11.32 13.68 5.82
CA GLU A 285 -12.14 14.75 6.39
C GLU A 285 -11.44 16.07 6.11
N PRO A 286 -12.21 17.17 6.07
CA PRO A 286 -11.71 18.47 5.62
C PRO A 286 -10.37 18.93 6.21
N GLY A 287 -10.26 18.96 7.53
CA GLY A 287 -9.09 19.54 8.17
C GLY A 287 -8.01 18.55 8.59
N ALA A 288 -8.07 17.34 8.05
CA ALA A 288 -7.14 16.26 8.39
C ALA A 288 -6.49 16.43 9.77
N PRO A 289 -7.27 16.17 10.83
CA PRO A 289 -6.81 16.15 12.23
C PRO A 289 -5.63 15.22 12.45
N ALA A 290 -5.53 14.12 11.70
CA ALA A 290 -4.48 13.18 11.96
C ALA A 290 -3.11 13.80 11.70
N TRP A 291 -3.01 14.61 10.65
CA TRP A 291 -1.74 15.30 10.41
C TRP A 291 -1.48 16.41 11.44
N LYS A 292 -2.53 17.04 11.93
CA LYS A 292 -2.34 18.02 13.00
C LYS A 292 -1.78 17.34 14.24
N ASP A 293 -2.18 16.09 14.49
CA ASP A 293 -1.62 15.33 15.59
C ASP A 293 -0.10 15.18 15.45
N MSE A 294 0.37 15.06 14.22
CA MSE A 294 1.81 14.91 13.96
C MSE A 294 2.51 16.25 14.12
O MSE A 294 3.62 16.31 14.65
CB MSE A 294 2.01 14.38 12.55
CG MSE A 294 1.44 13.01 12.34
SE MSE A 294 2.13 11.65 13.52
CE MSE A 294 0.68 11.66 14.82
H MSE A 294 -0.11 15.07 13.52
HA MSE A 294 2.19 14.27 14.60
HB2 MSE A 294 1.59 14.98 11.93
HB3 MSE A 294 2.97 14.33 12.37
HG2 MSE A 294 0.48 13.05 12.46
HG3 MSE A 294 1.63 12.74 11.43
HE1 MSE A 294 0.87 11.01 15.50
HE2 MSE A 294 0.62 12.53 15.21
HE3 MSE A 294 -0.14 11.44 14.38
N GLU A 295 1.88 17.35 13.70
CA GLU A 295 2.44 18.67 13.96
C GLU A 295 2.80 18.83 15.44
N ALA A 296 1.95 18.33 16.32
CA ALA A 296 2.16 18.42 17.75
C ALA A 296 3.44 17.70 18.21
N HIS A 297 3.92 16.75 17.42
CA HIS A 297 5.16 16.03 17.70
C HIS A 297 6.38 16.70 17.06
N GLY A 298 6.19 17.90 16.53
CA GLY A 298 7.29 18.65 15.96
C GLY A 298 7.46 18.43 14.47
N VAL A 299 6.40 18.01 13.79
CA VAL A 299 6.46 17.82 12.34
C VAL A 299 5.89 19.02 11.58
N LYS A 300 6.68 19.57 10.67
CA LYS A 300 6.17 20.62 9.78
C LYS A 300 5.46 19.98 8.61
N VAL A 301 4.14 20.12 8.57
CA VAL A 301 3.32 19.51 7.53
C VAL A 301 2.92 20.59 6.54
N THR A 302 3.23 20.32 5.27
CA THR A 302 2.99 21.22 4.17
C THR A 302 1.86 20.70 3.29
N HIS A 303 0.90 21.57 3.01
CA HIS A 303 -0.20 21.28 2.08
C HIS A 303 0.01 22.13 0.84
N LEU A 304 0.04 21.47 -0.32
CA LEU A 304 0.29 22.15 -1.60
C LEU A 304 -0.90 22.96 -2.10
N THR A 305 -0.61 24.07 -2.76
CA THR A 305 -1.66 24.74 -3.52
C THR A 305 -2.07 23.89 -4.71
N PRO A 306 -3.26 24.16 -5.25
CA PRO A 306 -3.61 23.43 -6.49
C PRO A 306 -2.56 23.62 -7.58
N ALA A 307 -1.98 24.80 -7.71
CA ALA A 307 -0.93 25.00 -8.73
C ALA A 307 0.32 24.16 -8.45
N GLU A 308 0.76 24.11 -7.19
CA GLU A 308 1.92 23.30 -6.83
C GLU A 308 1.65 21.82 -7.12
N HIS A 309 0.43 21.37 -6.84
CA HIS A 309 0.03 20.01 -7.13
C HIS A 309 0.12 19.74 -8.64
N ASP A 310 -0.41 20.67 -9.43
N ASP A 310 -0.37 20.66 -9.45
CA ASP A 310 -0.36 20.56 -10.90
CA ASP A 310 -0.34 20.44 -10.89
C ASP A 310 1.08 20.38 -11.39
C ASP A 310 1.08 20.40 -11.43
N ALA A 311 2.00 21.13 -10.81
CA ALA A 311 3.39 21.08 -11.24
C ALA A 311 3.99 19.68 -10.98
N PHE A 312 3.65 19.05 -9.85
CA PHE A 312 4.12 17.69 -9.60
C PHE A 312 3.54 16.70 -10.60
N ARG A 313 2.26 16.86 -10.94
CA ARG A 313 1.62 15.98 -11.92
C ARG A 313 2.30 16.13 -13.27
N LYS A 314 2.55 17.37 -13.68
CA LYS A 314 3.17 17.58 -14.97
C LYS A 314 4.60 17.03 -14.99
N ALA A 315 5.31 17.15 -13.89
CA ALA A 315 6.69 16.68 -13.84
C ALA A 315 6.77 15.16 -13.92
N THR A 316 5.70 14.48 -13.52
CA THR A 316 5.70 13.01 -13.51
C THR A 316 4.87 12.41 -14.66
N ALA A 317 4.38 13.24 -15.57
CA ALA A 317 3.48 12.77 -16.62
C ALA A 317 4.11 11.79 -17.61
N LYS A 318 5.40 11.94 -17.90
CA LYS A 318 6.05 11.06 -18.85
C LYS A 318 6.20 9.66 -18.23
N VAL A 319 6.47 9.60 -16.93
CA VAL A 319 6.52 8.33 -16.22
C VAL A 319 5.12 7.70 -16.25
N TYR A 320 4.10 8.49 -15.94
CA TYR A 320 2.73 8.03 -16.01
C TYR A 320 2.41 7.41 -17.37
N ASP A 321 2.75 8.11 -18.45
CA ASP A 321 2.40 7.65 -19.79
C ASP A 321 3.14 6.36 -20.12
N LYS A 322 4.40 6.28 -19.73
CA LYS A 322 5.21 5.09 -19.96
C LYS A 322 4.59 3.88 -19.26
N TRP A 323 4.26 4.02 -17.98
CA TRP A 323 3.75 2.90 -17.22
C TRP A 323 2.29 2.55 -17.55
N LYS A 324 1.54 3.55 -18.02
CA LYS A 324 0.19 3.30 -18.53
C LYS A 324 0.22 2.26 -19.63
N LYS A 325 1.18 2.36 -20.54
CA LYS A 325 1.35 1.37 -21.58
C LYS A 325 1.78 0.01 -21.04
N GLN A 326 2.65 0.01 -20.03
CA GLN A 326 3.15 -1.23 -19.45
C GLN A 326 2.07 -2.01 -18.70
N ILE A 327 1.25 -1.28 -17.96
CA ILE A 327 0.19 -1.87 -17.16
C ILE A 327 -0.89 -2.49 -18.03
N GLY A 328 -1.18 -1.80 -19.11
CA GLY A 328 -2.30 -2.13 -19.95
C GLY A 328 -3.13 -0.88 -20.11
N THR A 329 -2.95 -0.20 -21.24
CA THR A 329 -3.49 1.14 -21.43
C THR A 329 -5.00 1.16 -21.26
N ASP A 330 -5.66 0.09 -21.68
CA ASP A 330 -7.11 0.01 -21.57
C ASP A 330 -7.58 -0.06 -20.12
N LEU A 331 -6.80 -0.71 -19.25
CA LEU A 331 -7.17 -0.79 -17.85
C LEU A 331 -6.97 0.57 -17.20
N VAL A 332 -5.90 1.24 -17.56
CA VAL A 332 -5.63 2.56 -16.99
C VAL A 332 -6.68 3.55 -17.46
N THR A 333 -7.09 3.42 -18.71
CA THR A 333 -8.10 4.30 -19.24
C THR A 333 -9.44 4.08 -18.52
N LYS A 334 -9.78 2.82 -18.24
CA LYS A 334 -10.97 2.55 -17.44
C LYS A 334 -10.88 3.20 -16.06
N ALA A 335 -9.69 3.20 -15.45
CA ALA A 335 -9.49 3.83 -14.15
C ALA A 335 -9.70 5.34 -14.26
N GLU A 336 -9.12 5.94 -15.28
CA GLU A 336 -9.26 7.39 -15.51
C GLU A 336 -10.73 7.76 -15.61
N GLY A 337 -11.48 6.96 -16.35
CA GLY A 337 -12.90 7.24 -16.51
C GLY A 337 -13.73 7.06 -15.26
N ALA A 338 -13.44 6.00 -14.52
CA ALA A 338 -14.13 5.78 -13.25
C ALA A 338 -13.90 6.93 -12.27
N ILE A 339 -12.67 7.42 -12.26
CA ILE A 339 -12.33 8.55 -11.42
C ILE A 339 -13.06 9.83 -11.90
N ALA A 340 -13.09 10.07 -13.21
CA ALA A 340 -13.75 11.25 -13.73
C ALA A 340 -15.24 11.26 -13.40
N LYS A 341 -15.85 10.07 -13.34
CA LYS A 341 -17.29 9.94 -13.09
C LYS A 341 -17.66 9.74 -11.63
N ARG A 342 -16.67 9.76 -10.75
CA ARG A 342 -16.91 9.44 -9.35
C ARG A 342 -17.81 10.46 -8.66
CL CL B . 3.17 -4.12 15.10
CL CL C . -12.71 11.75 -0.80
OAD X2X D . 7.34 -0.75 2.88
CAH X2X D . 6.45 0.12 3.07
OAE X2X D . 6.69 1.36 2.98
CAI X2X D . 5.05 -0.30 3.41
CAB X2X D . 5.06 -0.91 4.80
OAF X2X D . 4.14 0.75 3.22
CAG X2X D . 4.70 -1.34 2.38
OAC X2X D . 4.79 -2.54 2.66
CAA X2X D . 4.29 -0.92 1.02
#